data_3DB8
#
_entry.id   3DB8
#
_cell.length_a   135.118
_cell.length_b   135.118
_cell.length_c   135.118
_cell.angle_alpha   90.00
_cell.angle_beta   90.00
_cell.angle_gamma   90.00
#
_symmetry.space_group_name_H-M   'I 2 3'
#
loop_
_entity.id
_entity.type
_entity.pdbx_description
1 polymer 'Polo-like kinase 1'
2 non-polymer 3-[3-chloro-5-(5-{[(1S)-1-phenylethyl]amino}isoxazolo[5,4-c]pyridin-3-yl)phenyl]propan-1-ol
#
_entity_poly.entity_id   1
_entity_poly.type   'polypeptide(L)'
_entity_poly.pdbx_seq_one_letter_code
;GPLGSMSAAIAKPSAKPSAHVDPKSAPLKEIPDVLVDPRTMKRYMRGRFLGKGGFAKCYEITDMDTKEVFAGKVVPKSML
LKPHQKEKMSTEIAIHKSLDNPHVVGFHGFFEDDDFVYVVLEICRRRSLLELHKRRKAVTEPEARYFMRQTIQGVQYLHN
NRVIHRDLKLGNLFLNDDMDVKIGDFGLATKIEFDGERKKDLCGTPNYIAPEVLCKKGHSFEVDIWSLGCILYTLLVGKP
PFETSCLKETYIRIKKNEYSVPRHINPVASALIRRMLHADPTLRPSVAELLTDEFFTSGYAPMRLPTSCLTVPPRFS
;
_entity_poly.pdbx_strand_id   A
#
# COMPACT_ATOMS: atom_id res chain seq x y z
N LYS A 29 25.61 15.33 0.25
CA LYS A 29 24.92 16.04 1.37
C LYS A 29 24.37 15.05 2.39
N GLU A 30 24.90 15.14 3.62
CA GLU A 30 24.56 14.21 4.70
C GLU A 30 23.21 14.52 5.35
N ILE A 31 22.43 13.46 5.61
CA ILE A 31 21.21 13.58 6.40
C ILE A 31 21.62 13.62 7.87
N PRO A 32 21.25 14.70 8.57
CA PRO A 32 21.63 14.93 9.98
C PRO A 32 21.34 13.73 10.89
N ASP A 33 22.27 13.44 11.80
CA ASP A 33 22.11 12.33 12.74
C ASP A 33 20.88 12.51 13.62
N VAL A 34 20.61 13.77 14.01
CA VAL A 34 19.41 14.13 14.76
C VAL A 34 18.55 15.08 13.93
N LEU A 35 17.24 14.84 13.94
CA LEU A 35 16.31 15.63 13.17
C LEU A 35 15.36 16.41 14.08
N VAL A 36 15.51 17.73 14.07
CA VAL A 36 14.64 18.62 14.85
C VAL A 36 13.75 19.43 13.91
N ASP A 37 12.52 19.69 14.37
CA ASP A 37 11.57 20.51 13.61
C ASP A 37 11.24 21.81 14.34
N PRO A 38 11.00 22.89 13.56
CA PRO A 38 10.64 24.18 14.16
C PRO A 38 9.34 24.15 14.99
N ARG A 39 8.33 23.42 14.51
CA ARG A 39 7.01 23.38 15.16
C ARG A 39 7.01 22.69 16.52
N THR A 40 6.92 21.36 16.52
CA THR A 40 6.83 20.56 17.75
C THR A 40 8.10 20.66 18.60
N MET A 41 9.20 21.09 17.96
CA MET A 41 10.52 21.16 18.59
C MET A 41 10.90 19.87 19.33
N LYS A 42 10.69 18.75 18.65
CA LYS A 42 11.08 17.43 19.13
C LYS A 42 12.38 17.02 18.42
N ARG A 43 13.10 16.08 19.02
CA ARG A 43 14.35 15.60 18.44
C ARG A 43 14.21 14.15 17.95
N TYR A 44 14.46 13.95 16.66
CA TYR A 44 14.39 12.62 16.05
C TYR A 44 15.77 12.09 15.66
N MET A 45 16.15 10.97 16.25
CA MET A 45 17.44 10.35 15.97
C MET A 45 17.32 9.39 14.79
N ARG A 46 18.07 9.69 13.72
CA ARG A 46 18.06 8.86 12.52
C ARG A 46 18.83 7.56 12.76
N GLY A 47 18.10 6.46 12.73
CA GLY A 47 18.65 5.13 13.01
C GLY A 47 18.86 4.31 11.76
N ARG A 48 18.52 3.02 11.85
CA ARG A 48 18.82 2.07 10.76
C ARG A 48 18.10 2.39 9.46
N PHE A 49 18.78 2.14 8.35
CA PHE A 49 18.21 2.29 7.02
C PHE A 49 17.06 1.29 6.82
N LEU A 50 16.04 1.70 6.07
CA LEU A 50 14.87 0.85 5.87
C LEU A 50 14.54 0.57 4.41
N GLY A 51 14.90 1.49 3.52
CA GLY A 51 14.63 1.34 2.10
C GLY A 51 14.65 2.64 1.35
N LYS A 52 14.28 2.61 0.07
CA LYS A 52 14.25 3.80 -0.77
C LYS A 52 13.13 3.77 -1.82
N GLY A 53 12.77 4.95 -2.31
CA GLY A 53 11.75 5.08 -3.36
C GLY A 53 12.02 6.29 -4.22
N GLY A 54 12.46 6.05 -5.46
CA GLY A 54 12.76 7.12 -6.41
C GLY A 54 13.88 8.03 -5.92
N PHE A 55 13.49 9.22 -5.45
CA PHE A 55 14.42 10.17 -4.87
C PHE A 55 14.39 10.08 -3.34
N ALA A 56 13.31 9.54 -2.79
CA ALA A 56 13.09 9.49 -1.34
C ALA A 56 13.73 8.27 -0.68
N LYS A 57 14.29 8.47 0.51
CA LYS A 57 14.91 7.39 1.28
C LYS A 57 14.29 7.32 2.68
N CYS A 58 14.06 6.11 3.17
CA CYS A 58 13.42 5.91 4.47
C CYS A 58 14.34 5.32 5.55
N TYR A 59 14.33 5.96 6.72
CA TYR A 59 15.10 5.53 7.87
C TYR A 59 14.21 5.39 9.10
N GLU A 60 14.54 4.43 9.95
CA GLU A 60 13.88 4.27 11.24
C GLU A 60 14.32 5.42 12.14
N ILE A 61 13.39 6.29 12.50
CA ILE A 61 13.68 7.40 13.43
C ILE A 61 13.07 7.21 14.82
N THR A 62 13.77 7.72 15.84
CA THR A 62 13.35 7.60 17.23
C THR A 62 13.22 8.97 17.89
N ASP A 63 12.08 9.22 18.52
CA ASP A 63 11.89 10.43 19.31
C ASP A 63 12.80 10.33 20.51
N MET A 64 13.70 11.29 20.65
CA MET A 64 14.76 11.24 21.66
C MET A 64 14.25 11.43 23.09
N ASP A 65 13.05 11.96 23.23
CA ASP A 65 12.45 12.16 24.54
C ASP A 65 11.56 10.99 24.94
N THR A 66 10.61 10.63 24.08
CA THR A 66 9.63 9.58 24.37
C THR A 66 10.14 8.19 24.01
N LYS A 67 11.20 8.14 23.19
CA LYS A 67 11.78 6.89 22.68
C LYS A 67 10.88 6.14 21.69
N GLU A 68 9.80 6.80 21.25
CA GLU A 68 8.86 6.21 20.29
C GLU A 68 9.48 6.13 18.91
N VAL A 69 9.16 5.06 18.20
CA VAL A 69 9.81 4.73 16.94
C VAL A 69 8.90 5.03 15.74
N PHE A 70 9.45 5.71 14.75
CA PHE A 70 8.72 6.11 13.56
C PHE A 70 9.53 5.85 12.30
N ALA A 71 8.84 5.73 11.17
CA ALA A 71 9.50 5.63 9.87
C ALA A 71 9.60 7.02 9.23
N GLY A 72 10.84 7.49 9.05
CA GLY A 72 11.08 8.83 8.52
C GLY A 72 11.38 8.83 7.03
N LYS A 73 10.41 9.28 6.24
CA LYS A 73 10.61 9.44 4.81
C LYS A 73 11.36 10.72 4.56
N VAL A 74 12.59 10.61 4.09
CA VAL A 74 13.46 11.76 3.84
C VAL A 74 13.53 12.08 2.35
N VAL A 75 13.11 13.28 1.99
CA VAL A 75 13.18 13.73 0.59
C VAL A 75 14.08 14.97 0.46
N PRO A 76 15.10 14.91 -0.41
CA PRO A 76 15.99 16.05 -0.61
C PRO A 76 15.33 17.17 -1.42
N LYS A 77 15.50 18.41 -0.97
CA LYS A 77 14.92 19.57 -1.64
C LYS A 77 15.44 19.76 -3.07
N SER A 78 16.58 19.13 -3.37
CA SER A 78 17.17 19.17 -4.71
C SER A 78 16.33 18.41 -5.74
N MET A 79 15.59 17.41 -5.28
CA MET A 79 14.63 16.71 -6.12
C MET A 79 13.38 17.56 -6.35
N LEU A 80 13.06 18.42 -5.39
CA LEU A 80 11.94 19.36 -5.51
C LEU A 80 12.40 20.79 -5.83
N LEU A 81 13.43 20.90 -6.67
CA LEU A 81 13.91 22.21 -7.13
C LEU A 81 12.88 22.89 -8.03
N LYS A 82 12.19 22.07 -8.82
CA LYS A 82 11.06 22.55 -9.62
C LYS A 82 9.82 22.68 -8.73
N PRO A 83 9.11 23.84 -8.80
CA PRO A 83 7.91 24.08 -8.00
C PRO A 83 6.74 23.13 -8.30
N HIS A 84 6.68 22.60 -9.53
CA HIS A 84 5.66 21.61 -9.91
C HIS A 84 5.79 20.29 -9.13
N GLN A 85 7.02 19.82 -8.96
CA GLN A 85 7.30 18.59 -8.21
C GLN A 85 7.10 18.82 -6.71
N LYS A 86 7.34 20.05 -6.26
CA LYS A 86 7.12 20.46 -4.88
C LYS A 86 5.63 20.56 -4.53
N GLU A 87 4.78 20.45 -5.55
CA GLU A 87 3.33 20.42 -5.37
C GLU A 87 2.86 18.99 -5.15
N LYS A 88 3.43 18.04 -5.90
CA LYS A 88 3.06 16.63 -5.81
C LYS A 88 3.22 16.07 -4.39
N MET A 89 4.24 16.53 -3.68
CA MET A 89 4.48 16.08 -2.32
C MET A 89 3.57 16.79 -1.32
N SER A 90 3.32 18.09 -1.53
CA SER A 90 2.43 18.84 -0.65
C SER A 90 0.97 18.38 -0.78
N THR A 91 0.61 17.86 -1.96
CA THR A 91 -0.70 17.23 -2.15
C THR A 91 -0.76 15.91 -1.38
N GLU A 92 0.28 15.09 -1.54
CA GLU A 92 0.39 13.80 -0.85
C GLU A 92 0.27 13.97 0.65
N ILE A 93 1.03 14.92 1.19
CA ILE A 93 0.99 15.23 2.61
C ILE A 93 -0.40 15.68 3.07
N ALA A 94 -1.01 16.62 2.34
CA ALA A 94 -2.34 17.14 2.68
C ALA A 94 -3.41 16.06 2.72
N ILE A 95 -3.24 15.03 1.90
CA ILE A 95 -4.16 13.90 1.87
C ILE A 95 -3.87 12.91 3.00
N HIS A 96 -2.59 12.52 3.13
CA HIS A 96 -2.16 11.60 4.17
C HIS A 96 -2.37 12.19 5.58
N LYS A 97 -2.15 13.50 5.69
CA LYS A 97 -2.28 14.25 6.95
C LYS A 97 -3.67 14.08 7.55
N SER A 98 -4.69 14.26 6.71
CA SER A 98 -6.10 14.21 7.12
C SER A 98 -6.55 12.83 7.56
N LEU A 99 -5.78 11.81 7.21
CA LEU A 99 -6.18 10.42 7.40
C LEU A 99 -5.92 9.88 8.80
N ASP A 100 -6.86 9.04 9.25
CA ASP A 100 -6.74 8.31 10.51
C ASP A 100 -7.57 7.04 10.42
N ASN A 101 -6.89 5.89 10.30
CA ASN A 101 -7.54 4.59 10.16
C ASN A 101 -6.55 3.46 10.44
N PRO A 102 -6.98 2.44 11.22
CA PRO A 102 -6.14 1.28 11.55
C PRO A 102 -5.66 0.42 10.35
N HIS A 103 -5.92 0.86 9.13
CA HIS A 103 -5.49 0.12 7.93
C HIS A 103 -4.81 1.02 6.90
N VAL A 104 -4.58 2.27 7.30
CA VAL A 104 -3.80 3.22 6.52
C VAL A 104 -2.62 3.62 7.41
N VAL A 105 -1.44 3.73 6.82
CA VAL A 105 -0.24 4.14 7.57
C VAL A 105 -0.50 5.45 8.31
N GLY A 106 -0.27 5.45 9.61
CA GLY A 106 -0.44 6.64 10.43
C GLY A 106 0.46 7.79 10.00
N PHE A 107 -0.12 8.97 9.90
CA PHE A 107 0.65 10.19 9.66
C PHE A 107 0.94 10.83 11.01
N HIS A 108 2.15 11.35 11.19
CA HIS A 108 2.55 11.96 12.46
C HIS A 108 3.33 13.27 12.31
N GLY A 109 2.87 14.10 11.37
CA GLY A 109 3.47 15.41 11.16
C GLY A 109 4.68 15.36 10.26
N PHE A 110 4.83 16.39 9.43
CA PHE A 110 6.00 16.53 8.56
C PHE A 110 6.72 17.83 8.89
N PHE A 111 7.88 18.01 8.25
CA PHE A 111 8.66 19.24 8.38
C PHE A 111 9.82 19.30 7.40
N GLU A 112 10.68 20.31 7.54
CA GLU A 112 11.76 20.56 6.60
C GLU A 112 12.86 21.45 7.19
N ASP A 113 14.09 21.19 6.77
CA ASP A 113 15.16 22.19 6.89
C ASP A 113 15.52 22.61 5.47
N ASP A 114 16.62 23.35 5.31
CA ASP A 114 17.01 23.87 4.00
C ASP A 114 17.29 22.77 2.96
N ASP A 115 17.68 21.59 3.43
CA ASP A 115 18.13 20.51 2.55
C ASP A 115 17.13 19.37 2.32
N PHE A 116 16.46 18.93 3.38
CA PHE A 116 15.56 17.77 3.30
C PHE A 116 14.16 18.04 3.84
N VAL A 117 13.17 17.35 3.25
CA VAL A 117 11.80 17.33 3.78
C VAL A 117 11.57 16.00 4.48
N TYR A 118 11.11 16.06 5.73
CA TYR A 118 10.99 14.89 6.57
C TYR A 118 9.53 14.57 6.87
N VAL A 119 9.10 13.36 6.52
CA VAL A 119 7.74 12.91 6.81
C VAL A 119 7.75 11.78 7.84
N VAL A 120 7.29 12.10 9.04
CA VAL A 120 7.23 11.15 10.15
C VAL A 120 6.00 10.24 10.01
N LEU A 121 6.24 8.93 9.97
CA LEU A 121 5.19 7.95 9.70
C LEU A 121 5.19 6.77 10.68
N GLU A 122 4.13 5.95 10.60
CA GLU A 122 3.97 4.75 11.43
C GLU A 122 4.91 3.65 10.97
N ILE A 123 5.56 2.99 11.92
CA ILE A 123 6.57 1.98 11.60
C ILE A 123 6.00 0.58 11.28
N CYS A 124 6.18 0.16 10.03
CA CYS A 124 5.73 -1.18 9.59
C CYS A 124 6.91 -2.12 9.44
N ARG A 125 7.22 -2.85 10.52
CA ARG A 125 8.47 -3.59 10.62
C ARG A 125 8.59 -4.87 9.78
N ARG A 126 7.47 -5.32 9.20
CA ARG A 126 7.46 -6.57 8.45
C ARG A 126 7.45 -6.38 6.94
N ARG A 127 7.94 -5.22 6.50
CA ARG A 127 7.96 -4.82 5.09
C ARG A 127 6.58 -4.85 4.41
N SER A 128 6.59 -4.98 3.08
CA SER A 128 5.36 -4.93 2.29
C SER A 128 4.93 -6.32 1.87
N LEU A 129 3.69 -6.41 1.39
CA LEU A 129 3.11 -7.67 0.93
C LEU A 129 3.78 -8.17 -0.36
N LEU A 130 4.62 -7.32 -0.95
CA LEU A 130 5.42 -7.69 -2.11
C LEU A 130 6.54 -8.66 -1.70
N GLU A 131 7.28 -8.30 -0.66
CA GLU A 131 8.31 -9.16 -0.09
C GLU A 131 7.73 -10.53 0.26
N LEU A 132 6.50 -10.54 0.78
CA LEU A 132 5.81 -11.76 1.13
C LEU A 132 5.49 -12.57 -0.12
N HIS A 133 4.89 -11.92 -1.12
CA HIS A 133 4.58 -12.59 -2.38
C HIS A 133 5.81 -13.18 -3.05
N LYS A 134 6.91 -12.42 -3.08
CA LYS A 134 8.16 -12.90 -3.65
C LYS A 134 8.65 -14.17 -2.96
N ARG A 135 8.59 -14.16 -1.62
CA ARG A 135 9.05 -15.28 -0.82
C ARG A 135 8.07 -16.46 -0.81
N ARG A 136 6.78 -16.16 -1.03
CA ARG A 136 5.73 -17.16 -0.87
C ARG A 136 5.13 -17.68 -2.16
N LYS A 137 5.24 -16.88 -3.22
CA LYS A 137 4.47 -17.11 -4.44
C LYS A 137 2.97 -17.16 -4.11
N ALA A 138 2.31 -18.23 -4.53
CA ALA A 138 0.87 -18.36 -4.31
C ALA A 138 0.55 -18.71 -2.86
N VAL A 139 -0.05 -17.76 -2.15
CA VAL A 139 -0.45 -17.98 -0.76
C VAL A 139 -1.76 -18.78 -0.70
N THR A 140 -2.15 -19.18 0.51
CA THR A 140 -3.37 -19.96 0.69
C THR A 140 -4.61 -19.07 0.64
N GLU A 141 -5.75 -19.69 0.35
CA GLU A 141 -7.04 -18.99 0.22
C GLU A 141 -7.45 -18.22 1.49
N PRO A 142 -7.34 -18.84 2.69
CA PRO A 142 -7.63 -18.08 3.91
C PRO A 142 -6.72 -16.85 4.09
N GLU A 143 -5.46 -16.97 3.68
CA GLU A 143 -4.53 -15.85 3.75
C GLU A 143 -4.93 -14.69 2.85
N ALA A 144 -5.38 -15.01 1.63
CA ALA A 144 -5.89 -14.00 0.71
C ALA A 144 -7.14 -13.34 1.28
N ARG A 145 -8.02 -14.13 1.90
CA ARG A 145 -9.20 -13.59 2.59
C ARG A 145 -8.84 -12.56 3.65
N TYR A 146 -7.87 -12.90 4.50
CA TYR A 146 -7.41 -12.01 5.57
C TYR A 146 -6.75 -10.76 5.02
N PHE A 147 -5.82 -10.94 4.08
CA PHE A 147 -5.08 -9.83 3.50
C PHE A 147 -5.97 -8.88 2.70
N MET A 148 -6.90 -9.45 1.94
CA MET A 148 -7.81 -8.64 1.13
C MET A 148 -8.75 -7.86 2.03
N ARG A 149 -9.41 -8.55 2.96
CA ARG A 149 -10.35 -7.93 3.91
C ARG A 149 -9.76 -6.63 4.48
N GLN A 150 -8.62 -6.75 5.14
CA GLN A 150 -7.97 -5.61 5.79
C GLN A 150 -7.60 -4.50 4.82
N THR A 151 -7.21 -4.88 3.60
CA THR A 151 -6.87 -3.92 2.56
C THR A 151 -8.12 -3.21 2.07
N ILE A 152 -9.19 -3.98 1.86
CA ILE A 152 -10.48 -3.47 1.39
C ILE A 152 -11.11 -2.58 2.46
N GLN A 153 -10.96 -2.95 3.73
CA GLN A 153 -11.44 -2.15 4.84
C GLN A 153 -10.75 -0.79 4.89
N GLY A 154 -9.47 -0.76 4.54
CA GLY A 154 -8.73 0.50 4.43
C GLY A 154 -9.17 1.30 3.23
N VAL A 155 -9.35 0.61 2.10
CA VAL A 155 -9.78 1.24 0.85
C VAL A 155 -11.18 1.84 0.99
N GLN A 156 -12.04 1.18 1.77
CA GLN A 156 -13.37 1.70 2.09
C GLN A 156 -13.27 3.07 2.74
N TYR A 157 -12.55 3.15 3.85
CA TYR A 157 -12.31 4.41 4.55
C TYR A 157 -11.88 5.51 3.60
N LEU A 158 -10.90 5.20 2.75
CA LEU A 158 -10.40 6.14 1.74
C LEU A 158 -11.53 6.64 0.86
N HIS A 159 -12.31 5.70 0.32
CA HIS A 159 -13.39 6.02 -0.60
C HIS A 159 -14.53 6.83 0.06
N ASN A 160 -14.85 6.46 1.30
CA ASN A 160 -15.84 7.18 2.12
C ASN A 160 -15.47 8.64 2.30
N ASN A 161 -14.19 8.89 2.59
CA ASN A 161 -13.66 10.24 2.73
C ASN A 161 -13.23 10.85 1.39
N ARG A 162 -13.80 10.31 0.30
CA ARG A 162 -13.64 10.84 -1.05
C ARG A 162 -12.18 10.86 -1.54
N VAL A 163 -11.41 9.86 -1.12
CA VAL A 163 -9.99 9.73 -1.49
C VAL A 163 -9.76 8.50 -2.36
N ILE A 164 -9.12 8.71 -3.51
CA ILE A 164 -8.73 7.59 -4.38
C ILE A 164 -7.22 7.45 -4.36
N HIS A 165 -6.75 6.23 -4.08
CA HIS A 165 -5.33 5.92 -3.96
C HIS A 165 -4.64 5.95 -5.33
N ARG A 166 -5.28 5.31 -6.31
CA ARG A 166 -4.82 5.28 -7.71
C ARG A 166 -3.54 4.49 -7.97
N ASP A 167 -2.75 4.22 -6.93
CA ASP A 167 -1.50 3.49 -7.09
C ASP A 167 -1.40 2.35 -6.05
N LEU A 168 -2.37 1.46 -6.08
CA LEU A 168 -2.41 0.32 -5.16
C LEU A 168 -1.65 -0.89 -5.72
N LYS A 169 -0.64 -1.32 -4.98
CA LYS A 169 0.13 -2.53 -5.30
C LYS A 169 0.63 -3.19 -4.01
N LEU A 170 1.12 -4.42 -4.12
CA LEU A 170 1.61 -5.18 -2.97
C LEU A 170 2.69 -4.45 -2.18
N GLY A 171 3.50 -3.63 -2.87
CA GLY A 171 4.55 -2.84 -2.23
C GLY A 171 4.01 -1.70 -1.38
N ASN A 172 2.75 -1.33 -1.61
CA ASN A 172 2.07 -0.27 -0.87
C ASN A 172 1.21 -0.79 0.28
N LEU A 173 1.05 -2.11 0.33
CA LEU A 173 0.33 -2.76 1.42
C LEU A 173 1.33 -3.26 2.45
N PHE A 174 1.70 -2.36 3.36
CA PHE A 174 2.74 -2.61 4.36
C PHE A 174 2.24 -3.55 5.47
N LEU A 175 3.18 -4.06 6.27
CA LEU A 175 2.85 -4.96 7.37
C LEU A 175 3.64 -4.65 8.63
N ASN A 176 2.95 -4.63 9.75
CA ASN A 176 3.59 -4.45 11.06
C ASN A 176 3.79 -5.79 11.77
N ASP A 177 4.32 -5.74 12.98
CA ASP A 177 4.65 -6.94 13.75
C ASP A 177 3.46 -7.87 14.07
N ASP A 178 2.24 -7.33 13.97
CA ASP A 178 1.03 -8.15 14.16
C ASP A 178 0.42 -8.61 12.83
N MET A 179 1.20 -8.49 11.76
CA MET A 179 0.75 -8.84 10.40
C MET A 179 -0.50 -8.06 9.94
N ASP A 180 -0.73 -6.88 10.52
CA ASP A 180 -1.81 -6.00 10.09
C ASP A 180 -1.44 -5.24 8.81
N VAL A 181 -2.33 -5.26 7.83
CA VAL A 181 -2.15 -4.55 6.57
C VAL A 181 -2.37 -3.05 6.80
N LYS A 182 -1.40 -2.25 6.38
CA LYS A 182 -1.52 -0.80 6.48
C LYS A 182 -1.16 -0.13 5.15
N ILE A 183 -2.17 0.46 4.51
CA ILE A 183 -1.99 1.10 3.21
C ILE A 183 -1.09 2.34 3.33
N GLY A 184 -0.08 2.41 2.48
CA GLY A 184 0.82 3.56 2.44
C GLY A 184 1.06 4.07 1.03
N ASP A 185 1.95 5.07 0.93
CA ASP A 185 2.38 5.65 -0.35
C ASP A 185 1.23 6.26 -1.15
N PHE A 186 0.86 7.48 -0.79
CA PHE A 186 -0.24 8.20 -1.42
C PHE A 186 0.24 9.16 -2.52
N GLY A 187 1.37 8.82 -3.12
CA GLY A 187 2.04 9.64 -4.12
C GLY A 187 1.18 10.00 -5.33
N LEU A 188 0.29 9.10 -5.71
CA LEU A 188 -0.63 9.35 -6.82
C LEU A 188 -2.09 9.40 -6.34
N ALA A 189 -2.28 9.61 -5.04
CA ALA A 189 -3.62 9.71 -4.45
C ALA A 189 -4.25 11.08 -4.72
N THR A 190 -5.57 11.07 -4.90
CA THR A 190 -6.32 12.28 -5.19
C THR A 190 -7.60 12.38 -4.34
N LYS A 191 -8.17 13.58 -4.26
CA LYS A 191 -9.40 13.82 -3.51
C LYS A 191 -10.46 14.43 -4.43
N ILE A 192 -11.71 13.98 -4.30
CA ILE A 192 -12.81 14.50 -5.13
C ILE A 192 -13.64 15.59 -4.43
N HIS A 219 -11.82 8.47 -15.17
CA HIS A 219 -11.65 7.46 -14.13
C HIS A 219 -11.99 8.01 -12.75
N SER A 220 -12.41 7.13 -11.85
CA SER A 220 -12.73 7.53 -10.47
C SER A 220 -12.39 6.44 -9.45
N PHE A 221 -13.32 6.15 -8.55
CA PHE A 221 -13.12 5.16 -7.49
C PHE A 221 -12.90 3.75 -8.02
N GLU A 222 -13.38 3.49 -9.23
CA GLU A 222 -13.34 2.14 -9.81
C GLU A 222 -11.95 1.64 -10.22
N VAL A 223 -10.97 2.54 -10.36
CA VAL A 223 -9.60 2.11 -10.66
C VAL A 223 -8.94 1.41 -9.47
N ASP A 224 -9.29 1.86 -8.26
CA ASP A 224 -8.79 1.23 -7.04
C ASP A 224 -9.34 -0.18 -6.87
N ILE A 225 -10.57 -0.40 -7.33
CA ILE A 225 -11.18 -1.74 -7.36
C ILE A 225 -10.42 -2.63 -8.34
N TRP A 226 -9.98 -2.05 -9.45
CA TRP A 226 -9.18 -2.73 -10.45
C TRP A 226 -7.88 -3.27 -9.84
N SER A 227 -7.12 -2.38 -9.21
CA SER A 227 -5.86 -2.72 -8.57
C SER A 227 -6.04 -3.83 -7.54
N LEU A 228 -7.13 -3.74 -6.76
CA LEU A 228 -7.45 -4.75 -5.77
C LEU A 228 -7.73 -6.10 -6.43
N GLY A 229 -8.32 -6.05 -7.63
CA GLY A 229 -8.50 -7.25 -8.44
C GLY A 229 -7.19 -7.89 -8.86
N CYS A 230 -6.18 -7.05 -9.08
CA CYS A 230 -4.84 -7.51 -9.45
C CYS A 230 -4.15 -8.15 -8.27
N ILE A 231 -4.21 -7.46 -7.14
CA ILE A 231 -3.63 -7.98 -5.90
C ILE A 231 -4.24 -9.34 -5.53
N LEU A 232 -5.57 -9.43 -5.56
CA LEU A 232 -6.25 -10.70 -5.26
C LEU A 232 -5.78 -11.78 -6.21
N TYR A 233 -5.63 -11.42 -7.49
CA TYR A 233 -5.15 -12.34 -8.51
C TYR A 233 -3.74 -12.83 -8.14
N THR A 234 -2.82 -11.87 -7.97
CA THR A 234 -1.43 -12.17 -7.65
C THR A 234 -1.31 -13.02 -6.39
N LEU A 235 -2.08 -12.69 -5.35
CA LEU A 235 -2.04 -13.44 -4.10
C LEU A 235 -2.45 -14.90 -4.28
N LEU A 236 -3.55 -15.13 -5.01
CA LEU A 236 -4.08 -16.48 -5.20
C LEU A 236 -3.31 -17.29 -6.25
N VAL A 237 -2.98 -16.64 -7.36
CA VAL A 237 -2.34 -17.31 -8.50
C VAL A 237 -0.83 -17.45 -8.31
N GLY A 238 -0.19 -16.39 -7.83
CA GLY A 238 1.25 -16.42 -7.58
C GLY A 238 2.07 -15.64 -8.59
N LYS A 239 1.40 -15.03 -9.56
CA LYS A 239 2.04 -14.15 -10.54
C LYS A 239 1.04 -13.07 -11.00
N PRO A 240 1.53 -11.84 -11.24
CA PRO A 240 0.62 -10.75 -11.64
C PRO A 240 -0.07 -11.04 -12.97
N PRO A 241 -1.37 -10.68 -13.08
CA PRO A 241 -2.21 -11.04 -14.22
C PRO A 241 -1.77 -10.46 -15.58
N PHE A 242 -1.16 -9.28 -15.57
CA PHE A 242 -0.73 -8.63 -16.81
C PHE A 242 0.80 -8.47 -16.88
N GLU A 243 1.48 -9.24 -16.03
CA GLU A 243 2.95 -9.24 -15.94
C GLU A 243 3.62 -9.80 -17.19
N THR A 244 4.49 -8.99 -17.80
CA THR A 244 5.34 -9.41 -18.90
C THR A 244 6.67 -8.69 -18.74
N SER A 245 7.71 -9.23 -19.38
CA SER A 245 9.02 -8.58 -19.42
C SER A 245 8.89 -7.19 -20.03
N CYS A 246 8.25 -7.11 -21.18
CA CYS A 246 8.09 -5.85 -21.91
C CYS A 246 6.97 -4.99 -21.34
N LEU A 247 7.32 -3.75 -20.98
CA LEU A 247 6.40 -2.79 -20.38
C LEU A 247 5.28 -2.37 -21.34
N LYS A 248 5.62 -2.15 -22.61
CA LYS A 248 4.64 -1.78 -23.62
C LYS A 248 3.60 -2.88 -23.79
N GLU A 249 4.05 -4.13 -23.70
CA GLU A 249 3.17 -5.29 -23.82
C GLU A 249 2.12 -5.31 -22.70
N THR A 250 2.54 -4.92 -21.49
CA THR A 250 1.65 -4.85 -20.34
C THR A 250 0.51 -3.86 -20.58
N TYR A 251 0.84 -2.68 -21.12
CA TYR A 251 -0.16 -1.67 -21.41
C TYR A 251 -1.17 -2.13 -22.45
N ILE A 252 -0.69 -2.93 -23.40
CA ILE A 252 -1.56 -3.54 -24.42
C ILE A 252 -2.48 -4.56 -23.77
N ARG A 253 -1.89 -5.44 -22.95
CA ARG A 253 -2.63 -6.44 -22.20
C ARG A 253 -3.74 -5.82 -21.35
N ILE A 254 -3.42 -4.70 -20.68
CA ILE A 254 -4.39 -3.97 -19.87
C ILE A 254 -5.50 -3.38 -20.74
N LYS A 255 -5.12 -2.62 -21.77
CA LYS A 255 -6.08 -2.00 -22.70
C LYS A 255 -7.01 -3.03 -23.34
N LYS A 256 -6.43 -4.10 -23.88
CA LYS A 256 -7.21 -5.16 -24.52
C LYS A 256 -7.94 -6.04 -23.48
N ASN A 257 -7.62 -5.82 -22.21
CA ASN A 257 -8.15 -6.62 -21.09
C ASN A 257 -7.76 -8.10 -21.20
N GLU A 258 -6.49 -8.33 -21.52
CA GLU A 258 -6.00 -9.69 -21.75
C GLU A 258 -5.36 -10.29 -20.50
N TYR A 259 -6.13 -11.14 -19.84
CA TYR A 259 -5.65 -11.93 -18.73
C TYR A 259 -6.43 -13.23 -18.78
N SER A 260 -5.96 -14.23 -18.04
CA SER A 260 -6.70 -15.48 -17.90
C SER A 260 -6.39 -16.16 -16.57
N VAL A 261 -7.43 -16.28 -15.74
CA VAL A 261 -7.34 -16.99 -14.47
C VAL A 261 -7.22 -18.48 -14.78
N PRO A 262 -6.13 -19.12 -14.35
CA PRO A 262 -5.99 -20.57 -14.49
C PRO A 262 -7.14 -21.33 -13.84
N ARG A 263 -7.47 -22.49 -14.38
CA ARG A 263 -8.60 -23.31 -13.94
C ARG A 263 -8.44 -23.84 -12.49
N HIS A 264 -7.20 -23.84 -12.01
CA HIS A 264 -6.85 -24.35 -10.68
C HIS A 264 -7.41 -23.50 -9.53
N ILE A 265 -7.80 -22.27 -9.86
CA ILE A 265 -8.33 -21.32 -8.90
C ILE A 265 -9.82 -21.58 -8.63
N ASN A 266 -10.23 -21.36 -7.38
CA ASN A 266 -11.62 -21.49 -6.94
C ASN A 266 -12.61 -20.70 -7.82
N PRO A 267 -13.63 -21.38 -8.34
CA PRO A 267 -14.68 -20.75 -9.16
C PRO A 267 -15.24 -19.46 -8.55
N VAL A 268 -15.56 -19.51 -7.25
CA VAL A 268 -16.10 -18.35 -6.52
C VAL A 268 -15.07 -17.22 -6.45
N ALA A 269 -13.80 -17.59 -6.30
CA ALA A 269 -12.71 -16.64 -6.25
C ALA A 269 -12.44 -16.03 -7.61
N SER A 270 -12.36 -16.88 -8.64
CA SER A 270 -12.16 -16.43 -10.01
C SER A 270 -13.29 -15.50 -10.47
N ALA A 271 -14.52 -15.81 -10.06
CA ALA A 271 -15.69 -14.98 -10.35
C ALA A 271 -15.49 -13.55 -9.83
N LEU A 272 -15.18 -13.42 -8.55
CA LEU A 272 -14.94 -12.12 -7.94
C LEU A 272 -13.81 -11.37 -8.65
N ILE A 273 -12.71 -12.06 -8.90
CA ILE A 273 -11.57 -11.46 -9.59
C ILE A 273 -12.04 -10.86 -10.92
N ARG A 274 -12.69 -11.70 -11.73
CA ARG A 274 -13.19 -11.28 -13.04
C ARG A 274 -14.03 -9.99 -13.00
N ARG A 275 -14.95 -9.91 -12.04
CA ARG A 275 -15.79 -8.73 -11.86
C ARG A 275 -14.98 -7.51 -11.44
N MET A 276 -13.94 -7.74 -10.65
CA MET A 276 -13.06 -6.65 -10.21
C MET A 276 -12.22 -6.13 -11.37
N LEU A 277 -11.90 -7.02 -12.30
CA LEU A 277 -11.08 -6.68 -13.45
C LEU A 277 -11.91 -6.40 -14.71
N HIS A 278 -13.22 -6.25 -14.54
CA HIS A 278 -14.12 -6.04 -15.67
C HIS A 278 -13.75 -4.80 -16.49
N ALA A 279 -13.90 -4.92 -17.81
CA ALA A 279 -13.55 -3.86 -18.76
C ALA A 279 -14.39 -2.60 -18.57
N ASP A 280 -15.67 -2.79 -18.25
CA ASP A 280 -16.56 -1.66 -17.95
C ASP A 280 -16.47 -1.25 -16.49
N PRO A 281 -15.87 -0.08 -16.22
CA PRO A 281 -15.64 0.40 -14.86
C PRO A 281 -16.90 0.46 -14.01
N THR A 282 -18.05 0.64 -14.66
CA THR A 282 -19.31 0.75 -13.94
C THR A 282 -19.88 -0.62 -13.56
N LEU A 283 -19.27 -1.68 -14.10
CA LEU A 283 -19.67 -3.05 -13.78
C LEU A 283 -18.77 -3.73 -12.75
N ARG A 284 -17.70 -3.04 -12.36
CA ARG A 284 -16.85 -3.50 -11.26
C ARG A 284 -17.62 -3.30 -9.95
N PRO A 285 -17.40 -4.19 -8.96
CA PRO A 285 -18.15 -4.07 -7.71
C PRO A 285 -17.70 -2.84 -6.90
N SER A 286 -18.59 -2.33 -6.06
CA SER A 286 -18.26 -1.24 -5.14
C SER A 286 -17.51 -1.79 -3.95
N VAL A 287 -16.77 -0.91 -3.26
CA VAL A 287 -16.01 -1.29 -2.07
C VAL A 287 -16.88 -2.05 -1.06
N ALA A 288 -18.05 -1.47 -0.76
CA ALA A 288 -18.99 -2.07 0.18
C ALA A 288 -19.43 -3.47 -0.28
N GLU A 289 -19.57 -3.63 -1.59
CA GLU A 289 -19.99 -4.91 -2.18
C GLU A 289 -18.91 -5.99 -2.11
N LEU A 290 -17.65 -5.57 -1.98
CA LEU A 290 -16.53 -6.50 -1.92
C LEU A 290 -16.53 -7.35 -0.65
N LEU A 291 -16.64 -6.69 0.50
CA LEU A 291 -16.63 -7.37 1.80
C LEU A 291 -17.66 -8.48 1.89
N THR A 292 -18.86 -8.22 1.35
CA THR A 292 -19.99 -9.14 1.46
C THR A 292 -19.98 -10.26 0.43
N ASP A 293 -18.99 -10.24 -0.48
CA ASP A 293 -18.92 -11.24 -1.53
C ASP A 293 -18.81 -12.65 -0.97
N GLU A 294 -19.38 -13.61 -1.70
CA GLU A 294 -19.33 -15.02 -1.34
C GLU A 294 -17.92 -15.45 -0.95
N PHE A 295 -16.93 -14.98 -1.71
CA PHE A 295 -15.52 -15.31 -1.47
C PHE A 295 -15.07 -15.16 0.00
N PHE A 296 -15.52 -14.09 0.66
CA PHE A 296 -15.13 -13.82 2.04
C PHE A 296 -16.01 -14.54 3.06
N THR A 297 -17.26 -14.78 2.71
CA THR A 297 -18.25 -15.28 3.65
C THR A 297 -18.44 -16.79 3.61
N SER A 298 -18.03 -17.43 2.51
CA SER A 298 -18.27 -18.86 2.36
C SER A 298 -17.17 -19.68 3.03
N GLY A 299 -15.91 -19.38 2.71
CA GLY A 299 -14.78 -20.15 3.22
C GLY A 299 -14.27 -19.68 4.57
N TYR A 300 -13.24 -20.37 5.06
CA TYR A 300 -12.60 -20.04 6.32
C TYR A 300 -11.77 -18.75 6.22
N ALA A 301 -11.98 -17.85 7.16
CA ALA A 301 -11.25 -16.58 7.20
C ALA A 301 -10.65 -16.34 8.58
N PRO A 302 -9.32 -16.47 8.69
CA PRO A 302 -8.65 -16.20 9.95
C PRO A 302 -8.73 -14.72 10.33
N MET A 303 -8.81 -14.45 11.63
CA MET A 303 -8.80 -13.08 12.13
C MET A 303 -7.38 -12.60 12.42
N ARG A 304 -6.48 -13.56 12.66
CA ARG A 304 -5.05 -13.29 12.85
C ARG A 304 -4.16 -14.17 11.97
N LEU A 305 -2.98 -13.66 11.65
CA LEU A 305 -1.97 -14.45 10.94
C LEU A 305 -0.62 -14.38 11.63
N PRO A 306 0.08 -15.52 11.74
CA PRO A 306 1.41 -15.55 12.32
C PRO A 306 2.43 -14.88 11.40
N THR A 307 3.59 -14.57 11.95
CA THR A 307 4.68 -13.97 11.19
C THR A 307 5.31 -15.00 10.22
N SER A 308 5.12 -16.28 10.52
CA SER A 308 5.61 -17.39 9.69
C SER A 308 5.15 -17.27 8.25
N CYS A 309 4.02 -16.58 8.06
CA CYS A 309 3.40 -16.37 6.76
C CYS A 309 4.30 -15.60 5.80
N LEU A 310 5.31 -14.91 6.35
CA LEU A 310 6.29 -14.20 5.55
C LEU A 310 7.16 -15.15 4.74
N THR A 311 7.23 -16.42 5.16
CA THR A 311 8.16 -17.40 4.56
C THR A 311 7.52 -18.74 4.17
N VAL A 312 6.64 -19.26 5.02
CA VAL A 312 5.96 -20.53 4.78
C VAL A 312 4.45 -20.44 5.02
N PRO A 313 3.64 -21.30 4.35
CA PRO A 313 2.20 -21.33 4.61
C PRO A 313 1.87 -21.72 6.05
N PRO A 314 0.75 -21.19 6.59
CA PRO A 314 0.35 -21.48 7.97
C PRO A 314 -0.31 -22.86 8.10
N ARG A 315 -0.29 -23.41 9.31
CA ARG A 315 -0.90 -24.71 9.60
C ARG A 315 -2.02 -24.60 10.63
#